data_8S0T
#
_entry.id   8S0T
#
_cell.length_a   1.00
_cell.length_b   1.00
_cell.length_c   1.00
_cell.angle_alpha   90.00
_cell.angle_beta   90.00
_cell.angle_gamma   90.00
#
_symmetry.space_group_name_H-M   'P 1'
#
loop_
_entity.id
_entity.type
_entity.pdbx_description
1 polymer 'CDK-activating kinase assembly factor MAT1'
2 polymer Cyclin-H
3 polymer 'Cyclin-dependent kinase 7'
4 non-polymer 7-dimethylphosphoryl-3-[2-[[(3~{S})-6,6-dimethylpiperidin-3-yl]amino]-5-(trifluoromethyl)pyrimidin-4-yl]-1~{H}-indole-6-carbonitrile
5 water water
#
loop_
_entity_poly.entity_id
_entity_poly.type
_entity_poly.pdbx_seq_one_letter_code
_entity_poly.pdbx_strand_id
1 'polypeptide(L)'
;SNAPVTFSTGIKMGQHISLAPIHKLEEALYEYQPLQIETYGPHVPELEMLGRLGYLNHVRAASPQDLAGGYTSSLACHRA
LQDAFSGLFWQPS
;
H
2 'polypeptide(L)'
;(ACE)MYHNSSQKRHWTFSSEEQLARLRADANRKFRCKAVANGKVLPNDPVFLEPHEEMTLCKYYEKRLLEFCSVFKPAM
PRSVVGTACMYFKRFYLNNSVMEYHPRIIMLTCAFLACKVDEFNVSSPQFVGNLRESPLGQEKALEQILEYELLLIQQLN
FHLIVHNPYRPFEGFLIDLKTRYPILENPEILRKTADDFLNRIALTDAYLLYTPSQIALTAILSSASRAGITMESYLSES
LMLKENRTCLSQLLDIMKSMRNLVKKYEPPRSEEVAVLKQKLERCHSAELALNVITKKRKGYEDDDYVSKKSKHEEEEWT
DDDLVESL
;
I
3 'polypeptide(L)'
;SNAMALDVKSRAKRYEKLDFLGEGQFATVYKARDKNTNQIVAIKKIKLGHRSEAKDGINRTALREIKLLQELSHPNIIGL
LDAFGHKSNISLVFDFMETDLEVIIKDNSLVLTPSHIKAYMLMTLQGLEYLHQHWILHRDLKPNNLLLDENGVLKLADFG
LAKSFGSPNRAYTHQVVTRWYRAPELLFGARMYGVGVDMWAVGCILAELLLRVPFLPGDSDLDQLTRIFETLGTPTEEQW
PDMCSLPDYVTFKSFPGIPLHHIFSAAGDDLLDLIQGLFLFNPCARITATQALKMKYFSNRPGPTPGCQLPRPNCPVETL
KEQSNPALAIKRKRTEALEQGGLPKKLIF
;
J
#
# COMPACT_ATOMS: atom_id res chain seq x y z
N ALA A 28 -23.00 16.50 21.20
CA ALA A 28 -21.77 15.71 20.85
C ALA A 28 -22.07 14.67 19.73
N LEU A 29 -22.92 15.00 18.74
CA LEU A 29 -23.27 14.10 17.64
C LEU A 29 -22.13 14.01 16.64
N TYR A 30 -22.11 12.94 15.85
CA TYR A 30 -21.26 12.81 14.69
C TYR A 30 -22.03 13.30 13.47
N GLU A 31 -21.30 13.79 12.47
CA GLU A 31 -21.75 14.10 11.13
C GLU A 31 -20.65 13.61 10.23
N TYR A 32 -20.99 12.81 9.22
CA TYR A 32 -20.03 12.45 8.20
C TYR A 32 -19.50 13.67 7.49
N GLN A 33 -18.20 13.88 7.63
CA GLN A 33 -17.45 14.82 6.83
C GLN A 33 -16.47 13.95 6.08
N PRO A 34 -16.39 14.08 4.75
CA PRO A 34 -15.38 13.34 3.99
C PRO A 34 -13.96 13.72 4.41
N LEU A 35 -13.03 12.83 4.10
CA LEU A 35 -11.61 13.14 4.17
C LEU A 35 -11.29 14.18 3.09
N GLN A 36 -10.66 15.29 3.47
CA GLN A 36 -10.35 16.39 2.56
C GLN A 36 -8.85 16.37 2.26
N ILE A 37 -8.33 15.18 1.99
CA ILE A 37 -6.98 14.95 1.50
C ILE A 37 -6.81 15.61 0.14
N GLU A 38 -5.80 16.47 0.02
CA GLU A 38 -5.50 17.19 -1.21
C GLU A 38 -4.74 16.27 -2.13
N THR A 39 -5.19 16.15 -3.36
CA THR A 39 -4.61 15.21 -4.28
C THR A 39 -3.65 15.90 -5.27
N TYR A 40 -3.69 17.23 -5.40
CA TYR A 40 -2.87 18.08 -6.28
C TYR A 40 -3.01 17.64 -7.73
N GLY A 41 -4.24 17.40 -8.14
CA GLY A 41 -4.53 16.75 -9.39
C GLY A 41 -5.94 17.12 -9.82
N PRO A 42 -6.34 16.75 -11.05
CA PRO A 42 -7.72 16.87 -11.52
C PRO A 42 -8.77 16.27 -10.58
N HIS A 43 -10.03 16.66 -10.75
CA HIS A 43 -11.14 15.99 -10.09
C HIS A 43 -11.26 14.53 -10.54
N VAL A 44 -11.31 13.62 -9.56
CA VAL A 44 -11.54 12.21 -9.78
C VAL A 44 -13.07 11.97 -9.78
N PRO A 45 -13.64 11.41 -10.87
CA PRO A 45 -15.08 11.06 -10.92
C PRO A 45 -15.44 9.94 -9.93
N GLU A 46 -16.33 10.22 -8.97
CA GLU A 46 -16.84 9.30 -7.94
C GLU A 46 -17.13 7.88 -8.46
N LEU A 47 -16.83 6.88 -7.62
CA LEU A 47 -16.94 5.44 -7.93
C LEU A 47 -18.27 5.03 -8.59
N GLU A 48 -19.39 5.46 -8.02
CA GLU A 48 -20.71 5.09 -8.50
C GLU A 48 -21.08 5.77 -9.83
N MET A 49 -20.45 6.90 -10.12
CA MET A 49 -20.62 7.62 -11.35
C MET A 49 -19.79 7.05 -12.49
N LEU A 50 -18.86 6.13 -12.26
CA LEU A 50 -17.96 5.65 -13.30
C LEU A 50 -18.68 4.91 -14.42
N GLY A 51 -19.73 4.14 -14.10
CA GLY A 51 -20.52 3.46 -15.09
C GLY A 51 -21.36 4.49 -15.86
N ARG A 52 -21.97 5.42 -15.13
CA ARG A 52 -22.82 6.49 -15.63
C ARG A 52 -22.07 7.40 -16.61
N LEU A 53 -20.85 7.78 -16.22
CA LEU A 53 -19.92 8.61 -16.97
C LEU A 53 -19.17 7.87 -18.07
N GLY A 54 -19.23 6.54 -18.11
CA GLY A 54 -18.72 5.75 -19.21
C GLY A 54 -17.26 5.32 -19.05
N TYR A 55 -16.67 5.42 -17.85
CA TYR A 55 -15.30 4.97 -17.63
C TYR A 55 -15.18 3.45 -17.62
N LEU A 56 -16.22 2.76 -17.14
CA LEU A 56 -16.25 1.30 -17.04
C LEU A 56 -16.33 0.59 -18.38
N ASN A 57 -16.51 1.33 -19.47
CA ASN A 57 -16.41 0.81 -20.83
C ASN A 57 -14.96 0.55 -21.23
N HIS A 58 -14.02 1.01 -20.40
CA HIS A 58 -12.60 1.10 -20.69
C HIS A 58 -11.78 0.36 -19.63
N VAL A 59 -12.43 -0.34 -18.69
CA VAL A 59 -11.79 -1.30 -17.82
C VAL A 59 -12.44 -2.66 -17.98
N ARG A 60 -11.72 -3.69 -17.52
CA ARG A 60 -12.16 -5.07 -17.55
C ARG A 60 -13.36 -5.23 -16.61
N ALA A 61 -14.40 -5.93 -17.09
CA ALA A 61 -15.52 -6.33 -16.24
C ALA A 61 -15.03 -7.34 -15.22
N ALA A 62 -15.37 -7.15 -13.95
CA ALA A 62 -15.11 -8.13 -12.90
C ALA A 62 -15.97 -9.36 -13.20
N SER A 63 -15.36 -10.55 -13.24
CA SER A 63 -16.06 -11.81 -13.53
C SER A 63 -17.03 -12.16 -12.37
N PRO A 64 -17.91 -13.19 -12.56
CA PRO A 64 -18.83 -13.58 -11.50
C PRO A 64 -18.18 -13.92 -10.14
N GLN A 65 -17.01 -14.59 -10.13
CA GLN A 65 -16.27 -14.94 -8.92
C GLN A 65 -15.71 -13.68 -8.27
N ASP A 66 -15.21 -12.76 -9.10
CA ASP A 66 -14.85 -11.41 -8.68
C ASP A 66 -16.01 -10.72 -7.99
N LEU A 67 -17.18 -10.70 -8.64
CA LEU A 67 -18.40 -10.04 -8.16
C LEU A 67 -18.96 -10.63 -6.86
N ALA A 68 -18.96 -11.96 -6.78
CA ALA A 68 -19.42 -12.69 -5.62
C ALA A 68 -18.49 -12.53 -4.43
N GLY A 69 -17.20 -12.30 -4.69
CA GLY A 69 -16.22 -11.87 -3.72
C GLY A 69 -16.37 -10.40 -3.35
N GLY A 70 -17.12 -9.60 -4.09
CA GLY A 70 -17.32 -8.19 -3.82
C GLY A 70 -16.34 -7.32 -4.60
N TYR A 71 -15.65 -7.82 -5.62
CA TYR A 71 -14.73 -7.03 -6.41
C TYR A 71 -15.45 -6.60 -7.67
N THR A 72 -15.38 -5.33 -8.04
CA THR A 72 -16.09 -4.77 -9.20
C THR A 72 -15.08 -4.16 -10.19
N SER A 73 -15.47 -3.93 -11.42
CA SER A 73 -14.67 -3.20 -12.41
C SER A 73 -14.43 -1.74 -12.00
N SER A 74 -15.36 -1.19 -11.23
CA SER A 74 -15.33 0.15 -10.73
C SER A 74 -14.18 0.37 -9.76
N LEU A 75 -13.82 -0.62 -8.92
CA LEU A 75 -12.70 -0.48 -8.00
C LEU A 75 -11.40 -0.27 -8.77
N ALA A 76 -11.11 -1.14 -9.72
CA ALA A 76 -9.95 -1.07 -10.60
C ALA A 76 -9.83 0.26 -11.34
N CYS A 77 -10.94 0.69 -11.94
CA CYS A 77 -11.09 1.94 -12.67
C CYS A 77 -10.81 3.14 -11.79
N HIS A 78 -11.42 3.15 -10.61
CA HIS A 78 -11.35 4.27 -9.72
C HIS A 78 -9.92 4.52 -9.24
N ARG A 79 -9.23 3.45 -8.87
CA ARG A 79 -7.84 3.47 -8.46
C ARG A 79 -6.91 3.90 -9.59
N ALA A 80 -7.09 3.41 -10.81
CA ALA A 80 -6.33 3.86 -11.97
C ALA A 80 -6.48 5.37 -12.20
N LEU A 81 -7.70 5.90 -12.31
CA LEU A 81 -7.98 7.34 -12.37
C LEU A 81 -7.44 8.15 -11.17
N GLN A 82 -7.61 7.65 -9.94
CA GLN A 82 -7.05 8.28 -8.76
C GLN A 82 -5.54 8.47 -8.86
N ASP A 83 -4.83 7.43 -9.28
CA ASP A 83 -3.40 7.45 -9.46
C ASP A 83 -2.93 8.36 -10.59
N ALA A 84 -3.65 8.44 -11.71
CA ALA A 84 -3.34 9.35 -12.82
C ALA A 84 -3.36 10.79 -12.40
N PHE A 85 -4.29 11.13 -11.54
CA PHE A 85 -4.52 12.50 -11.21
C PHE A 85 -3.71 12.98 -10.05
N SER A 86 -3.49 12.13 -9.05
CA SER A 86 -2.71 12.37 -7.86
C SER A 86 -1.35 13.03 -8.18
N GLY A 87 -1.09 14.22 -7.62
CA GLY A 87 0.18 14.91 -7.69
C GLY A 87 0.52 15.44 -9.09
N LEU A 88 -0.42 15.54 -10.02
CA LEU A 88 -0.16 16.02 -11.38
C LEU A 88 0.27 17.51 -11.41
N PHE A 89 -0.22 18.29 -10.47
CA PHE A 89 -0.03 19.72 -10.41
C PHE A 89 1.02 20.08 -9.36
N TRP A 90 1.57 19.09 -8.67
CA TRP A 90 2.43 19.33 -7.53
C TRP A 90 3.86 19.59 -7.99
N GLN A 91 4.44 20.63 -7.42
CA GLN A 91 5.80 21.09 -7.66
C GLN A 91 6.49 20.93 -6.28
N PRO A 92 7.61 20.18 -6.20
CA PRO A 92 8.50 20.12 -5.01
C PRO A 92 8.88 21.37 -4.23
N MET B 2 -1.24 6.12 -1.49
CA MET B 2 -1.52 7.10 -2.60
C MET B 2 -0.36 8.12 -2.68
N TYR B 3 0.03 8.52 -3.90
CA TYR B 3 1.18 9.40 -4.13
C TYR B 3 1.10 10.73 -3.37
N HIS B 4 -0.06 11.37 -3.40
CA HIS B 4 -0.24 12.72 -2.90
C HIS B 4 -0.06 12.87 -1.40
N ASN B 5 0.05 11.77 -0.65
CA ASN B 5 0.38 11.77 0.77
C ASN B 5 1.46 10.71 1.06
N SER B 6 2.25 10.40 0.05
CA SER B 6 3.31 9.42 0.13
C SER B 6 4.62 9.97 0.68
N SER B 7 5.42 9.05 1.21
CA SER B 7 6.78 9.27 1.64
C SER B 7 7.67 9.55 0.44
N GLN B 8 7.31 9.05 -0.74
CA GLN B 8 7.92 9.40 -1.99
C GLN B 8 7.85 10.89 -2.30
N LYS B 9 6.65 11.47 -2.32
CA LYS B 9 6.45 12.89 -2.51
C LYS B 9 7.20 13.72 -1.46
N ARG B 10 6.97 13.34 -0.20
CA ARG B 10 7.48 14.03 0.96
C ARG B 10 9.01 14.08 1.06
N HIS B 11 9.70 13.03 0.61
CA HIS B 11 11.10 12.81 0.94
C HIS B 11 11.97 12.45 -0.24
N TRP B 12 11.39 12.04 -1.36
CA TRP B 12 12.13 11.42 -2.45
C TRP B 12 11.81 12.04 -3.80
N THR B 13 11.18 13.22 -3.80
CA THR B 13 11.02 14.05 -4.99
C THR B 13 11.67 15.39 -4.67
N PHE B 14 12.85 15.58 -5.24
CA PHE B 14 13.79 16.64 -4.92
C PHE B 14 13.50 17.87 -5.77
N SER B 15 13.78 19.01 -5.17
CA SER B 15 13.52 20.33 -5.71
C SER B 15 14.21 20.62 -7.04
N SER B 16 15.40 20.06 -7.30
CA SER B 16 16.06 20.13 -8.61
C SER B 16 17.20 19.12 -8.65
N GLU B 17 17.83 19.00 -9.83
CA GLU B 17 19.06 18.21 -10.01
C GLU B 17 20.27 18.75 -9.25
N GLU B 18 20.34 20.06 -9.02
CA GLU B 18 21.31 20.69 -8.15
C GLU B 18 21.22 20.16 -6.71
N GLN B 19 20.01 19.81 -6.25
CA GLN B 19 19.86 19.14 -4.97
C GLN B 19 20.28 17.64 -5.09
N LEU B 20 20.09 17.02 -6.26
CA LEU B 20 20.52 15.64 -6.48
C LEU B 20 22.04 15.53 -6.45
N ALA B 21 22.68 16.29 -7.34
CA ALA B 21 24.12 16.43 -7.48
C ALA B 21 24.79 16.70 -6.14
N ARG B 22 24.18 17.57 -5.34
CA ARG B 22 24.61 17.86 -4.00
C ARG B 22 24.62 16.67 -3.07
N LEU B 23 23.52 15.94 -2.94
CA LEU B 23 23.45 14.75 -2.06
C LEU B 23 24.48 13.67 -2.44
N ARG B 24 24.67 13.46 -3.74
CA ARG B 24 25.66 12.57 -4.30
C ARG B 24 27.12 13.04 -4.07
N ALA B 25 27.42 14.29 -4.44
CA ALA B 25 28.73 14.92 -4.25
C ALA B 25 29.15 15.00 -2.79
N ASP B 26 28.17 15.21 -1.92
CA ASP B 26 28.28 15.06 -0.48
C ASP B 26 28.81 13.69 -0.14
N ALA B 27 28.05 12.67 -0.51
CA ALA B 27 28.30 11.31 -0.09
C ALA B 27 29.61 10.73 -0.60
N ASN B 28 30.08 11.15 -1.77
CA ASN B 28 31.42 10.89 -2.29
C ASN B 28 32.50 11.48 -1.40
N ARG B 29 32.41 12.77 -1.08
CA ARG B 29 33.22 13.46 -0.08
C ARG B 29 33.20 12.75 1.29
N LYS B 30 32.01 12.42 1.80
CA LYS B 30 31.85 11.79 3.10
C LYS B 30 32.43 10.37 3.16
N PHE B 31 32.44 9.65 2.03
CA PHE B 31 33.17 8.41 1.85
C PHE B 31 34.68 8.62 2.01
N ARG B 32 35.23 9.58 1.26
CA ARG B 32 36.62 9.97 1.32
C ARG B 32 37.03 10.38 2.75
N CYS B 33 36.23 11.23 3.41
CA CYS B 33 36.47 11.64 4.81
C CYS B 33 36.56 10.45 5.78
N LYS B 34 35.67 9.45 5.64
CA LYS B 34 35.75 8.20 6.40
C LYS B 34 36.96 7.33 5.98
N ALA B 35 37.18 7.13 4.68
CA ALA B 35 38.22 6.28 4.12
C ALA B 35 39.66 6.73 4.43
N VAL B 36 39.87 8.04 4.55
CA VAL B 36 41.14 8.64 4.99
C VAL B 36 41.30 8.62 6.54
N ALA B 37 40.20 8.74 7.30
CA ALA B 37 40.15 8.45 8.73
C ALA B 37 40.17 6.93 8.91
N PHE B 48 39.99 6.36 -5.88
CA PHE B 48 38.81 7.18 -5.55
C PHE B 48 38.16 7.70 -6.86
N LEU B 49 36.91 7.30 -7.07
CA LEU B 49 36.08 7.82 -8.13
C LEU B 49 35.55 9.21 -7.76
N GLU B 50 35.50 10.09 -8.75
CA GLU B 50 34.91 11.42 -8.69
C GLU B 50 33.38 11.28 -8.90
N PRO B 51 32.53 12.19 -8.38
CA PRO B 51 31.06 12.03 -8.39
C PRO B 51 30.42 11.65 -9.72
N HIS B 52 30.92 12.21 -10.81
CA HIS B 52 30.53 11.90 -12.19
C HIS B 52 30.79 10.44 -12.59
N GLU B 53 31.77 9.82 -11.94
CA GLU B 53 32.23 8.48 -12.17
C GLU B 53 31.43 7.50 -11.35
N GLU B 54 31.05 7.91 -10.13
CA GLU B 54 30.03 7.20 -9.40
C GLU B 54 28.71 7.20 -10.17
N MET B 55 28.27 8.38 -10.67
CA MET B 55 27.10 8.51 -11.54
C MET B 55 27.15 7.66 -12.79
N THR B 56 28.25 7.64 -13.53
CA THR B 56 28.40 6.76 -14.68
C THR B 56 28.22 5.28 -14.32
N LEU B 57 28.65 4.90 -13.12
CA LEU B 57 28.56 3.54 -12.65
C LEU B 57 27.16 3.20 -12.18
N CYS B 58 26.52 4.08 -11.43
CA CYS B 58 25.12 3.96 -11.03
C CYS B 58 24.18 3.91 -12.23
N LYS B 59 24.45 4.69 -13.28
CA LYS B 59 23.74 4.55 -14.55
C LYS B 59 23.89 3.13 -15.09
N TYR B 60 25.13 2.65 -15.18
CA TYR B 60 25.46 1.33 -15.66
C TYR B 60 24.85 0.19 -14.84
N TYR B 61 24.85 0.30 -13.51
CA TYR B 61 24.22 -0.66 -12.64
C TYR B 61 22.71 -0.55 -12.53
N GLU B 62 22.11 0.60 -12.84
CA GLU B 62 20.67 0.68 -13.00
C GLU B 62 20.23 -0.03 -14.28
N LYS B 63 21.03 0.05 -15.34
CA LYS B 63 20.90 -0.84 -16.48
C LYS B 63 20.98 -2.30 -16.03
N ARG B 64 22.00 -2.65 -15.24
CA ARG B 64 22.16 -4.01 -14.74
C ARG B 64 20.97 -4.54 -13.93
N LEU B 65 20.40 -3.69 -13.09
CA LEU B 65 19.18 -3.96 -12.37
C LEU B 65 18.01 -4.23 -13.30
N LEU B 66 17.84 -3.41 -14.34
CA LEU B 66 16.83 -3.61 -15.38
C LEU B 66 17.00 -4.94 -16.11
N GLU B 67 18.21 -5.36 -16.47
CA GLU B 67 18.44 -6.63 -17.15
C GLU B 67 18.09 -7.81 -16.22
N PHE B 68 18.46 -7.73 -14.95
CA PHE B 68 18.15 -8.71 -13.91
C PHE B 68 16.63 -8.92 -13.78
N CYS B 69 15.93 -7.84 -13.50
CA CYS B 69 14.50 -7.81 -13.37
C CYS B 69 13.72 -8.24 -14.63
N SER B 70 14.28 -8.04 -15.83
CA SER B 70 13.68 -8.39 -17.11
C SER B 70 13.75 -9.89 -17.46
N VAL B 71 14.64 -10.66 -16.81
CA VAL B 71 14.86 -12.06 -17.13
C VAL B 71 14.49 -12.98 -15.96
N PHE B 72 14.08 -12.38 -14.85
CA PHE B 72 13.71 -13.04 -13.60
C PHE B 72 12.61 -14.07 -13.91
N LYS B 73 12.88 -15.33 -13.56
CA LYS B 73 12.24 -16.48 -14.18
C LYS B 73 10.77 -16.70 -13.81
N PRO B 74 10.32 -16.36 -12.58
CA PRO B 74 8.90 -15.99 -12.36
C PRO B 74 8.72 -14.56 -12.88
N ALA B 75 7.85 -14.30 -13.87
CA ALA B 75 7.76 -13.01 -14.55
C ALA B 75 7.47 -11.84 -13.62
N MET B 76 8.53 -11.15 -13.27
CA MET B 76 8.56 -10.06 -12.32
C MET B 76 7.77 -8.84 -12.84
N PRO B 77 6.72 -8.39 -12.13
CA PRO B 77 5.91 -7.22 -12.54
C PRO B 77 6.67 -5.91 -12.72
N ARG B 78 6.25 -5.04 -13.66
CA ARG B 78 6.78 -3.67 -13.82
C ARG B 78 6.82 -2.87 -12.50
N SER B 79 5.86 -3.03 -11.60
CA SER B 79 5.87 -2.40 -10.30
C SER B 79 6.92 -2.94 -9.32
N VAL B 80 7.42 -4.16 -9.49
CA VAL B 80 8.62 -4.63 -8.79
C VAL B 80 9.84 -4.00 -9.45
N VAL B 81 9.95 -4.10 -10.77
CA VAL B 81 11.09 -3.60 -11.51
C VAL B 81 11.31 -2.10 -11.33
N GLY B 82 10.22 -1.33 -11.32
CA GLY B 82 10.21 0.08 -11.06
C GLY B 82 10.54 0.40 -9.61
N THR B 83 10.07 -0.40 -8.65
CA THR B 83 10.40 -0.26 -7.25
C THR B 83 11.89 -0.56 -6.98
N ALA B 84 12.44 -1.57 -7.64
CA ALA B 84 13.84 -1.95 -7.55
C ALA B 84 14.73 -0.83 -8.03
N CYS B 85 14.48 -0.36 -9.26
CA CYS B 85 15.16 0.75 -9.90
C CYS B 85 15.07 2.02 -9.08
N MET B 86 13.94 2.28 -8.46
CA MET B 86 13.81 3.39 -7.54
C MET B 86 14.65 3.24 -6.28
N TYR B 87 14.72 2.04 -5.71
CA TYR B 87 15.58 1.78 -4.56
C TYR B 87 17.05 2.01 -4.89
N PHE B 88 17.46 1.63 -6.09
CA PHE B 88 18.81 1.84 -6.55
C PHE B 88 19.17 3.31 -6.84
N LYS B 89 18.22 4.11 -7.33
CA LYS B 89 18.37 5.55 -7.43
C LYS B 89 18.46 6.23 -6.07
N ARG B 90 17.62 5.83 -5.12
CA ARG B 90 17.62 6.42 -3.80
C ARG B 90 18.81 6.03 -2.95
N PHE B 91 19.31 4.82 -3.14
CA PHE B 91 20.44 4.33 -2.40
C PHE B 91 21.69 5.18 -2.66
N TYR B 92 22.01 5.32 -3.93
CA TYR B 92 23.15 6.04 -4.44
C TYR B 92 23.01 7.57 -4.50
N LEU B 93 21.90 8.13 -4.05
CA LEU B 93 21.85 9.54 -3.67
C LEU B 93 22.66 9.82 -2.40
N ASN B 94 22.76 8.87 -1.49
CA ASN B 94 23.28 9.15 -0.16
C ASN B 94 24.38 8.20 0.25
N ASN B 95 24.81 7.34 -0.66
CA ASN B 95 25.81 6.33 -0.41
C ASN B 95 26.69 6.29 -1.62
N SER B 96 27.95 5.97 -1.40
CA SER B 96 28.89 5.81 -2.49
C SER B 96 28.87 4.37 -2.98
N VAL B 97 29.04 4.23 -4.30
CA VAL B 97 29.36 2.98 -4.96
C VAL B 97 30.71 2.43 -4.51
N MET B 98 31.56 3.24 -3.85
CA MET B 98 32.82 2.81 -3.26
C MET B 98 32.69 2.28 -1.84
N GLU B 99 31.56 2.49 -1.16
CA GLU B 99 31.32 1.79 0.09
C GLU B 99 30.55 0.48 -0.16
N TYR B 100 29.51 0.51 -0.99
CA TYR B 100 28.64 -0.63 -1.21
C TYR B 100 28.65 -0.92 -2.69
N HIS B 101 29.05 -2.12 -3.07
CA HIS B 101 29.30 -2.38 -4.45
C HIS B 101 27.97 -2.45 -5.21
N PRO B 102 27.75 -1.58 -6.21
CA PRO B 102 26.46 -1.48 -6.92
C PRO B 102 25.92 -2.78 -7.49
N ARG B 103 26.80 -3.68 -7.96
CA ARG B 103 26.47 -5.06 -8.33
C ARG B 103 25.62 -5.77 -7.26
N ILE B 104 26.04 -5.71 -6.00
CA ILE B 104 25.38 -6.37 -4.91
C ILE B 104 24.11 -5.63 -4.57
N ILE B 105 24.18 -4.32 -4.33
CA ILE B 105 23.05 -3.49 -3.98
C ILE B 105 21.91 -3.57 -4.99
N MET B 106 22.19 -3.72 -6.28
CA MET B 106 21.18 -3.97 -7.29
C MET B 106 20.33 -5.20 -7.00
N LEU B 107 20.95 -6.28 -6.48
CA LEU B 107 20.25 -7.53 -6.18
C LEU B 107 19.35 -7.40 -4.97
N THR B 108 19.89 -6.78 -3.94
CA THR B 108 19.19 -6.39 -2.76
C THR B 108 18.01 -5.43 -3.01
N CYS B 109 18.12 -4.61 -4.07
CA CYS B 109 17.06 -3.76 -4.59
C CYS B 109 15.94 -4.61 -5.17
N ALA B 110 16.25 -5.47 -6.13
CA ALA B 110 15.31 -6.42 -6.67
C ALA B 110 14.64 -7.32 -5.62
N PHE B 111 15.43 -7.80 -4.65
CA PHE B 111 15.03 -8.68 -3.55
C PHE B 111 13.98 -8.05 -2.66
N LEU B 112 14.28 -6.87 -2.14
CA LEU B 112 13.42 -6.07 -1.32
C LEU B 112 12.12 -5.67 -2.03
N ALA B 113 12.24 -5.31 -3.32
CA ALA B 113 11.15 -4.95 -4.20
C ALA B 113 10.20 -6.10 -4.47
N CYS B 114 10.73 -7.32 -4.70
CA CYS B 114 9.93 -8.53 -4.78
C CYS B 114 9.07 -8.72 -3.53
N LYS B 115 9.66 -8.53 -2.36
CA LYS B 115 9.01 -8.68 -1.09
C LYS B 115 7.98 -7.59 -0.83
N VAL B 116 8.34 -6.32 -0.99
CA VAL B 116 7.47 -5.17 -0.76
C VAL B 116 6.29 -5.11 -1.73
N ASP B 117 6.50 -5.40 -3.01
CA ASP B 117 5.44 -5.43 -4.02
C ASP B 117 4.57 -6.71 -3.93
N GLU B 118 4.82 -7.60 -2.96
CA GLU B 118 4.08 -8.83 -2.70
C GLU B 118 4.21 -9.83 -3.86
N PHE B 119 5.35 -9.82 -4.52
CA PHE B 119 5.69 -10.78 -5.54
C PHE B 119 6.46 -11.90 -4.87
N ASN B 120 5.71 -12.82 -4.25
CA ASN B 120 6.20 -13.90 -3.41
C ASN B 120 6.96 -14.92 -4.25
N VAL B 121 8.26 -14.91 -4.01
CA VAL B 121 9.26 -15.70 -4.69
C VAL B 121 10.25 -15.99 -3.56
N SER B 122 10.57 -17.25 -3.31
CA SER B 122 11.49 -17.63 -2.26
C SER B 122 12.93 -17.24 -2.62
N SER B 123 13.74 -16.95 -1.60
CA SER B 123 15.17 -16.70 -1.74
C SER B 123 15.92 -17.63 -2.70
N PRO B 124 15.78 -18.97 -2.59
CA PRO B 124 16.45 -19.87 -3.53
C PRO B 124 16.12 -19.64 -5.00
N GLN B 125 14.86 -19.42 -5.36
CA GLN B 125 14.55 -19.14 -6.76
C GLN B 125 14.75 -17.67 -7.14
N PHE B 126 14.83 -16.74 -6.17
CA PHE B 126 15.38 -15.41 -6.40
C PHE B 126 16.80 -15.47 -6.96
N VAL B 127 17.72 -16.12 -6.23
CA VAL B 127 19.12 -16.23 -6.68
C VAL B 127 19.35 -17.31 -7.74
N GLY B 128 18.38 -18.16 -8.02
CA GLY B 128 18.41 -19.06 -9.16
C GLY B 128 18.48 -18.30 -10.49
N ASN B 129 18.10 -17.02 -10.50
CA ASN B 129 18.16 -16.11 -11.64
C ASN B 129 19.54 -15.54 -11.94
N LEU B 130 20.46 -15.56 -10.97
CA LEU B 130 21.80 -15.03 -11.14
C LEU B 130 22.65 -15.92 -12.05
N ARG B 131 23.36 -15.35 -13.02
CA ARG B 131 24.06 -16.05 -14.10
C ARG B 131 25.39 -16.73 -13.70
N GLU B 132 25.50 -17.19 -12.46
CA GLU B 132 26.68 -17.82 -11.88
C GLU B 132 26.49 -19.32 -11.64
N SER B 133 27.57 -19.93 -11.15
CA SER B 133 27.60 -21.17 -10.39
C SER B 133 26.68 -21.12 -9.14
N PRO B 134 26.33 -22.29 -8.58
CA PRO B 134 25.54 -22.34 -7.33
C PRO B 134 26.27 -21.84 -6.07
N LEU B 135 27.61 -21.88 -6.07
CA LEU B 135 28.43 -21.33 -5.00
C LEU B 135 28.35 -19.80 -5.03
N GLY B 136 28.41 -19.23 -6.24
CA GLY B 136 28.17 -17.82 -6.49
C GLY B 136 26.74 -17.45 -6.09
N GLN B 137 25.73 -18.22 -6.48
CA GLN B 137 24.34 -18.00 -6.09
C GLN B 137 24.11 -18.00 -4.57
N GLU B 138 24.77 -18.91 -3.85
CA GLU B 138 24.72 -18.95 -2.40
C GLU B 138 25.43 -17.77 -1.75
N LYS B 139 26.62 -17.43 -2.26
CA LYS B 139 27.39 -16.30 -1.78
C LYS B 139 26.65 -14.98 -2.05
N ALA B 140 26.05 -14.84 -3.23
CA ALA B 140 25.26 -13.66 -3.60
C ALA B 140 24.01 -13.53 -2.74
N LEU B 141 23.33 -14.64 -2.47
CA LEU B 141 22.20 -14.69 -1.56
C LEU B 141 22.56 -14.22 -0.17
N GLU B 142 23.74 -14.65 0.29
CA GLU B 142 24.24 -14.28 1.59
C GLU B 142 24.57 -12.78 1.68
N GLN B 143 25.18 -12.22 0.63
CA GLN B 143 25.40 -10.78 0.48
C GLN B 143 24.11 -9.98 0.38
N ILE B 144 23.12 -10.47 -0.38
CA ILE B 144 21.79 -9.88 -0.44
C ILE B 144 21.16 -9.79 0.94
N LEU B 145 21.19 -10.89 1.70
CA LEU B 145 20.68 -10.90 3.07
C LEU B 145 21.54 -10.06 4.02
N GLU B 146 22.85 -9.87 3.77
CA GLU B 146 23.71 -8.94 4.52
C GLU B 146 23.33 -7.48 4.36
N TYR B 147 22.88 -7.10 3.17
CA TYR B 147 22.60 -5.72 2.81
C TYR B 147 21.12 -5.39 2.84
N GLU B 148 20.23 -6.35 3.00
CA GLU B 148 18.81 -6.08 2.95
C GLU B 148 18.35 -5.06 4.01
N LEU B 149 18.79 -5.17 5.26
CA LEU B 149 18.49 -4.13 6.25
C LEU B 149 19.23 -2.80 6.01
N LEU B 150 20.50 -2.83 5.62
CA LEU B 150 21.24 -1.66 5.15
C LEU B 150 20.46 -0.88 4.10
N LEU B 151 20.05 -1.55 3.02
CA LEU B 151 19.23 -0.98 1.95
C LEU B 151 18.01 -0.27 2.54
N ILE B 152 17.23 -0.99 3.33
CA ILE B 152 16.06 -0.50 4.00
C ILE B 152 16.32 0.71 4.90
N GLN B 153 17.41 0.73 5.69
CA GLN B 153 17.85 1.90 6.45
C GLN B 153 18.19 3.13 5.60
N GLN B 154 18.81 2.91 4.45
CA GLN B 154 19.19 3.91 3.47
C GLN B 154 18.06 4.41 2.55
N LEU B 155 17.06 3.56 2.31
CA LEU B 155 15.74 3.94 1.79
C LEU B 155 14.90 4.63 2.86
N ASN B 156 15.38 4.71 4.09
CA ASN B 156 14.78 5.38 5.24
C ASN B 156 13.48 4.72 5.70
N PHE B 157 13.32 3.45 5.36
CA PHE B 157 12.12 2.66 5.51
C PHE B 157 10.96 3.26 4.68
N HIS B 158 11.26 3.86 3.53
CA HIS B 158 10.28 4.37 2.56
C HIS B 158 10.30 3.37 1.45
N LEU B 159 9.45 2.37 1.59
CA LEU B 159 9.50 1.17 0.79
C LEU B 159 8.48 1.17 -0.33
N ILE B 160 7.33 1.82 -0.19
CA ILE B 160 6.37 1.91 -1.31
C ILE B 160 6.87 2.89 -2.36
N VAL B 161 6.99 2.45 -3.59
CA VAL B 161 7.37 3.29 -4.69
C VAL B 161 6.17 3.37 -5.63
N HIS B 162 5.76 4.63 -5.83
CA HIS B 162 4.81 5.03 -6.82
C HIS B 162 5.51 5.16 -8.16
N ASN B 163 5.22 4.17 -8.96
CA ASN B 163 5.65 4.07 -10.31
C ASN B 163 4.69 4.87 -11.19
N PRO B 164 5.15 5.29 -12.38
CA PRO B 164 4.27 5.98 -13.33
C PRO B 164 3.24 5.05 -14.03
N TYR B 165 3.38 3.73 -13.94
CA TYR B 165 2.58 2.79 -14.71
C TYR B 165 1.10 2.75 -14.34
N ARG B 166 0.72 2.84 -13.05
CA ARG B 166 -0.69 2.93 -12.72
C ARG B 166 -1.30 4.28 -13.11
N PRO B 167 -0.63 5.42 -12.86
CA PRO B 167 -1.01 6.71 -13.43
C PRO B 167 -1.22 6.68 -14.92
N PHE B 168 -0.35 5.94 -15.59
CA PHE B 168 -0.43 5.75 -17.00
C PHE B 168 -1.71 5.05 -17.48
N GLU B 169 -2.14 4.01 -16.75
CA GLU B 169 -3.42 3.34 -16.97
C GLU B 169 -4.63 4.26 -16.78
N GLY B 170 -4.59 5.11 -15.77
CA GLY B 170 -5.63 6.05 -15.44
C GLY B 170 -5.78 7.13 -16.50
N PHE B 171 -4.68 7.72 -16.98
CA PHE B 171 -4.72 8.65 -18.11
C PHE B 171 -5.26 8.01 -19.37
N LEU B 172 -4.94 6.75 -19.64
CA LEU B 172 -5.49 6.07 -20.78
C LEU B 172 -7.00 5.81 -20.66
N ILE B 173 -7.49 5.41 -19.48
CA ILE B 173 -8.91 5.31 -19.17
C ILE B 173 -9.61 6.66 -19.34
N ASP B 174 -9.05 7.71 -18.78
CA ASP B 174 -9.53 9.07 -18.83
C ASP B 174 -9.60 9.63 -20.24
N LEU B 175 -8.58 9.38 -21.05
CA LEU B 175 -8.52 9.78 -22.44
C LEU B 175 -9.54 9.04 -23.31
N LYS B 176 -9.75 7.74 -23.07
CA LYS B 176 -10.69 6.91 -23.82
C LYS B 176 -12.13 7.35 -23.53
N THR B 177 -12.35 7.76 -22.28
CA THR B 177 -13.63 8.21 -21.83
C THR B 177 -13.90 9.63 -22.31
N ARG B 178 -13.03 10.57 -21.95
CA ARG B 178 -13.29 11.99 -22.01
C ARG B 178 -12.65 12.73 -23.15
N TYR B 179 -11.86 12.09 -24.01
CA TYR B 179 -11.12 12.81 -25.02
C TYR B 179 -11.14 12.11 -26.37
N PRO B 180 -12.33 11.99 -27.01
CA PRO B 180 -12.49 11.41 -28.34
C PRO B 180 -11.90 12.21 -29.50
N ILE B 181 -11.28 13.36 -29.19
CA ILE B 181 -10.33 14.09 -30.00
C ILE B 181 -9.12 13.18 -30.35
N LEU B 182 -8.65 12.43 -29.35
CA LEU B 182 -7.67 11.37 -29.48
C LEU B 182 -8.50 10.11 -29.57
N GLU B 183 -8.84 9.68 -30.78
CA GLU B 183 -9.89 8.70 -31.00
C GLU B 183 -9.68 7.37 -30.27
N ASN B 184 -8.50 6.77 -30.49
CA ASN B 184 -8.02 5.63 -29.74
C ASN B 184 -6.76 6.05 -28.99
N PRO B 185 -6.83 6.32 -27.68
CA PRO B 185 -5.64 6.62 -26.86
C PRO B 185 -4.61 5.51 -26.77
N GLU B 186 -5.03 4.27 -26.97
CA GLU B 186 -4.19 3.10 -26.79
C GLU B 186 -3.07 3.07 -27.84
N ILE B 187 -3.21 3.80 -28.96
CA ILE B 187 -2.16 3.96 -29.98
C ILE B 187 -0.91 4.68 -29.42
N LEU B 188 -1.07 5.45 -28.34
CA LEU B 188 0.02 6.14 -27.66
C LEU B 188 0.87 5.21 -26.81
N ARG B 189 0.30 4.09 -26.37
CA ARG B 189 0.84 3.20 -25.35
C ARG B 189 2.30 2.78 -25.57
N LYS B 190 2.63 2.35 -26.78
CA LYS B 190 3.96 1.85 -27.10
C LYS B 190 5.05 2.92 -26.93
N THR B 191 4.86 4.06 -27.58
CA THR B 191 5.82 5.14 -27.55
C THR B 191 5.82 5.91 -26.23
N ALA B 192 4.70 5.95 -25.51
CA ALA B 192 4.68 6.48 -24.17
C ALA B 192 5.34 5.53 -23.17
N ASP B 193 5.32 4.23 -23.42
CA ASP B 193 6.05 3.23 -22.63
C ASP B 193 7.55 3.36 -22.87
N ASP B 194 7.96 3.41 -24.15
CA ASP B 194 9.32 3.72 -24.58
C ASP B 194 9.85 5.02 -23.98
N PHE B 195 8.99 6.04 -23.84
CA PHE B 195 9.38 7.28 -23.21
C PHE B 195 9.43 7.17 -21.68
N LEU B 196 8.55 6.41 -21.02
CA LEU B 196 8.64 6.06 -19.59
C LEU B 196 9.93 5.31 -19.26
N ASN B 197 10.33 4.38 -20.13
CA ASN B 197 11.62 3.68 -20.07
C ASN B 197 12.82 4.62 -20.19
N ARG B 198 12.74 5.63 -21.05
CA ARG B 198 13.77 6.65 -21.18
C ARG B 198 13.79 7.59 -19.99
N ILE B 199 12.62 8.02 -19.51
CA ILE B 199 12.50 8.82 -18.31
C ILE B 199 13.09 8.08 -17.08
N ALA B 200 12.95 6.75 -17.05
CA ALA B 200 13.45 5.91 -15.97
C ALA B 200 14.98 5.91 -15.87
N LEU B 201 15.69 6.11 -16.97
CA LEU B 201 17.13 6.14 -16.97
C LEU B 201 17.68 7.47 -16.44
N THR B 202 16.86 8.50 -16.50
CA THR B 202 17.19 9.82 -16.02
C THR B 202 16.92 9.95 -14.54
N ASP B 203 17.24 11.13 -14.04
CA ASP B 203 16.97 11.59 -12.71
C ASP B 203 15.47 11.87 -12.45
N ALA B 204 14.59 11.88 -13.46
CA ALA B 204 13.19 12.32 -13.38
C ALA B 204 12.33 11.72 -12.27
N TYR B 205 12.54 10.43 -11.98
CA TYR B 205 11.90 9.71 -10.87
C TYR B 205 12.17 10.34 -9.52
N LEU B 206 13.27 11.08 -9.40
CA LEU B 206 13.64 11.78 -8.21
C LEU B 206 13.19 13.23 -8.25
N LEU B 207 12.64 13.71 -9.36
CA LEU B 207 12.46 15.14 -9.61
C LEU B 207 11.00 15.50 -9.81
N TYR B 208 10.20 14.62 -10.42
CA TYR B 208 8.80 14.89 -10.68
C TYR B 208 7.91 13.77 -10.20
N THR B 209 6.60 14.01 -10.21
CA THR B 209 5.64 12.99 -9.78
C THR B 209 5.41 11.87 -10.81
N PRO B 210 4.93 10.69 -10.36
CA PRO B 210 4.52 9.61 -11.24
C PRO B 210 3.46 10.00 -12.28
N SER B 211 2.45 10.76 -11.90
CA SER B 211 1.47 11.34 -12.82
C SER B 211 2.07 12.31 -13.84
N GLN B 212 2.97 13.20 -13.44
CA GLN B 212 3.68 14.09 -14.35
C GLN B 212 4.52 13.32 -15.32
N ILE B 213 5.23 12.28 -14.87
CA ILE B 213 5.99 11.41 -15.74
C ILE B 213 5.11 10.64 -16.73
N ALA B 214 3.98 10.13 -16.23
CA ALA B 214 2.99 9.42 -17.01
C ALA B 214 2.38 10.31 -18.08
N LEU B 215 1.99 11.53 -17.69
CA LEU B 215 1.43 12.51 -18.60
C LEU B 215 2.43 13.07 -19.60
N THR B 216 3.66 13.37 -19.18
CA THR B 216 4.73 13.77 -20.07
C THR B 216 5.02 12.68 -21.09
N ALA B 217 5.03 11.42 -20.67
CA ALA B 217 5.19 10.29 -21.56
C ALA B 217 4.06 10.13 -22.55
N ILE B 218 2.82 10.34 -22.11
CA ILE B 218 1.64 10.38 -22.95
C ILE B 218 1.69 11.53 -23.97
N LEU B 219 1.96 12.76 -23.49
CA LEU B 219 2.08 13.94 -24.32
C LEU B 219 3.30 13.95 -25.21
N SER B 220 4.40 13.30 -24.83
CA SER B 220 5.53 13.01 -25.69
C SER B 220 5.15 12.08 -26.83
N SER B 221 4.42 11.00 -26.54
CA SER B 221 3.90 10.10 -27.57
C SER B 221 2.85 10.78 -28.43
N ALA B 222 1.99 11.62 -27.81
CA ALA B 222 1.01 12.45 -28.51
C ALA B 222 1.69 13.37 -29.51
N SER B 223 2.61 14.20 -29.01
CA SER B 223 3.46 15.07 -29.80
C SER B 223 4.26 14.35 -30.87
N ARG B 224 4.81 13.16 -30.58
CA ARG B 224 5.52 12.29 -31.52
C ARG B 224 4.63 11.68 -32.62
N ALA B 225 3.33 11.63 -32.40
CA ALA B 225 2.33 11.24 -33.40
C ALA B 225 1.76 12.46 -34.14
N GLY B 226 2.11 13.66 -33.68
CA GLY B 226 1.65 14.94 -34.17
C GLY B 226 0.26 15.31 -33.64
N ILE B 227 -0.28 14.54 -32.69
CA ILE B 227 -1.58 14.78 -32.08
C ILE B 227 -1.36 15.68 -30.88
N THR B 228 -1.47 16.99 -31.07
CA THR B 228 -1.45 17.96 -29.98
C THR B 228 -2.67 17.77 -29.03
N MET B 229 -2.41 17.40 -27.77
CA MET B 229 -3.41 17.16 -26.74
C MET B 229 -3.50 18.36 -25.80
N GLU B 230 -3.36 19.59 -26.30
CA GLU B 230 -3.38 20.77 -25.45
C GLU B 230 -4.75 20.97 -24.81
N SER B 231 -5.81 20.69 -25.57
CA SER B 231 -7.19 20.72 -25.11
C SER B 231 -7.52 19.69 -24.03
N TYR B 232 -6.74 18.61 -23.94
CA TYR B 232 -6.87 17.67 -22.83
C TYR B 232 -6.48 18.36 -21.52
N LEU B 233 -5.36 19.09 -21.55
CA LEU B 233 -4.82 19.78 -20.39
C LEU B 233 -5.71 20.95 -19.97
N SER B 234 -6.00 21.81 -20.95
CA SER B 234 -6.81 23.00 -20.71
C SER B 234 -8.26 22.65 -20.41
N GLU B 235 -8.90 21.81 -21.24
CA GLU B 235 -10.32 21.54 -21.15
C GLU B 235 -10.62 20.34 -20.24
N SER B 236 -10.16 19.12 -20.55
CA SER B 236 -10.44 17.94 -19.71
C SER B 236 -9.89 18.05 -18.28
N LEU B 237 -8.61 18.43 -18.13
CA LEU B 237 -7.95 18.53 -16.83
C LEU B 237 -8.29 19.83 -16.09
N MET B 238 -9.04 20.72 -16.76
CA MET B 238 -9.66 21.96 -16.28
C MET B 238 -8.64 23.08 -16.00
N LEU B 239 -7.50 23.07 -16.69
CA LEU B 239 -6.46 24.09 -16.53
C LEU B 239 -6.65 25.33 -17.41
N LYS B 240 -7.84 25.51 -18.00
CA LYS B 240 -8.33 26.82 -18.42
C LYS B 240 -8.68 27.71 -17.21
N GLU B 241 -9.13 27.08 -16.12
CA GLU B 241 -9.57 27.72 -14.89
C GLU B 241 -8.41 28.40 -14.16
N ASN B 242 -7.20 27.85 -14.34
CA ASN B 242 -5.98 28.22 -13.67
C ASN B 242 -4.86 28.02 -14.69
N ARG B 243 -4.60 29.06 -15.50
CA ARG B 243 -3.64 28.98 -16.61
C ARG B 243 -2.18 28.93 -16.13
N THR B 244 -1.93 29.37 -14.90
CA THR B 244 -0.62 29.27 -14.25
C THR B 244 -0.34 27.82 -13.86
N CYS B 245 -1.33 27.08 -13.33
CA CYS B 245 -1.27 25.62 -13.19
C CYS B 245 -1.06 24.94 -14.55
N LEU B 246 -1.69 25.42 -15.63
CA LEU B 246 -1.39 24.93 -16.99
C LEU B 246 0.08 25.15 -17.38
N SER B 247 0.65 26.32 -17.10
CA SER B 247 2.04 26.59 -17.45
C SER B 247 3.02 25.93 -16.49
N GLN B 248 2.73 25.83 -15.18
CA GLN B 248 3.48 25.03 -14.23
C GLN B 248 3.59 23.57 -14.66
N LEU B 249 2.48 23.03 -15.17
CA LEU B 249 2.37 21.73 -15.80
C LEU B 249 3.25 21.69 -17.03
N LEU B 250 3.10 22.63 -17.96
CA LEU B 250 3.87 22.64 -19.20
C LEU B 250 5.40 22.76 -19.01
N ASP B 251 5.81 23.61 -18.06
CA ASP B 251 7.18 23.77 -17.57
C ASP B 251 7.74 22.45 -17.01
N ILE B 252 7.08 21.84 -16.00
CA ILE B 252 7.39 20.47 -15.54
C ILE B 252 7.60 19.43 -16.66
N MET B 253 6.76 19.45 -17.70
CA MET B 253 6.84 18.48 -18.77
C MET B 253 7.95 18.79 -19.76
N LYS B 254 8.19 20.07 -20.01
CA LYS B 254 9.29 20.60 -20.80
C LYS B 254 10.60 20.12 -20.25
N SER B 255 10.77 20.31 -18.94
CA SER B 255 11.98 19.98 -18.25
C SER B 255 12.29 18.48 -18.27
N MET B 256 11.28 17.61 -18.21
CA MET B 256 11.43 16.17 -18.38
C MET B 256 11.89 15.79 -19.76
N ARG B 257 11.33 16.41 -20.79
CA ARG B 257 11.74 16.12 -22.16
C ARG B 257 13.21 16.54 -22.40
N ASN B 258 13.65 17.61 -21.73
CA ASN B 258 15.04 18.06 -21.66
C ASN B 258 15.95 17.08 -20.88
N LEU B 259 15.45 16.39 -19.85
CA LEU B 259 16.17 15.35 -19.12
C LEU B 259 16.43 14.10 -19.93
N VAL B 260 15.43 13.66 -20.70
CA VAL B 260 15.60 12.55 -21.61
C VAL B 260 16.49 12.96 -22.79
N LYS B 261 16.51 14.25 -23.11
CA LYS B 261 17.37 14.84 -24.14
C LYS B 261 18.83 14.92 -23.70
N LYS B 262 19.10 15.40 -22.47
CA LYS B 262 20.45 15.59 -21.97
C LYS B 262 21.11 14.28 -21.51
N TYR B 263 20.33 13.25 -21.17
CA TYR B 263 20.83 11.93 -20.79
C TYR B 263 21.65 11.32 -21.92
N GLU B 264 22.89 10.99 -21.60
CA GLU B 264 23.79 10.20 -22.43
C GLU B 264 24.05 8.91 -21.65
N PRO B 265 23.94 7.74 -22.29
CA PRO B 265 24.40 6.49 -21.66
C PRO B 265 25.87 6.53 -21.22
N PRO B 266 26.22 5.78 -20.15
CA PRO B 266 27.62 5.55 -19.80
C PRO B 266 28.31 4.74 -20.89
N ARG B 267 29.46 5.21 -21.40
CA ARG B 267 30.17 4.53 -22.48
C ARG B 267 30.79 3.22 -21.97
N SER B 268 30.73 2.16 -22.78
CA SER B 268 31.35 0.86 -22.51
C SER B 268 32.82 0.99 -22.08
N GLU B 269 33.63 1.65 -22.93
CA GLU B 269 35.07 1.83 -22.71
C GLU B 269 35.40 2.62 -21.45
N GLU B 270 34.52 3.56 -21.11
CA GLU B 270 34.60 4.39 -19.93
C GLU B 270 34.28 3.60 -18.67
N VAL B 271 33.16 2.86 -18.69
CA VAL B 271 32.69 2.05 -17.58
C VAL B 271 33.70 0.96 -17.20
N ALA B 272 34.43 0.41 -18.18
CA ALA B 272 35.52 -0.54 -17.99
C ALA B 272 36.67 -0.01 -17.11
N VAL B 273 37.04 1.27 -17.27
CA VAL B 273 38.01 1.93 -16.41
C VAL B 273 37.45 2.17 -15.00
N LEU B 274 36.22 2.69 -14.93
CA LEU B 274 35.56 3.00 -13.68
C LEU B 274 35.26 1.75 -12.86
N LYS B 275 34.93 0.64 -13.53
CA LYS B 275 34.77 -0.68 -12.93
C LYS B 275 36.07 -1.19 -12.31
N GLN B 276 37.18 -1.08 -13.05
CA GLN B 276 38.50 -1.46 -12.55
C GLN B 276 38.86 -0.64 -11.32
N LYS B 277 38.56 0.67 -11.34
CA LYS B 277 38.74 1.54 -10.19
C LYS B 277 37.88 1.11 -9.00
N LEU B 278 36.59 0.86 -9.25
CA LEU B 278 35.61 0.41 -8.27
C LEU B 278 36.02 -0.87 -7.55
N GLU B 279 36.34 -1.93 -8.31
CA GLU B 279 36.91 -3.18 -7.82
C GLU B 279 38.10 -2.97 -6.87
N ARG B 280 39.01 -2.08 -7.28
CA ARG B 280 40.19 -1.67 -6.53
C ARG B 280 39.85 -0.96 -5.22
N CYS B 281 38.87 -0.05 -5.23
CA CYS B 281 38.38 0.64 -4.03
C CYS B 281 37.76 -0.36 -3.03
N HIS B 282 37.23 -1.47 -3.55
CA HIS B 282 36.62 -2.52 -2.75
C HIS B 282 37.63 -3.56 -2.22
N SER B 283 38.77 -3.73 -2.89
CA SER B 283 39.75 -4.75 -2.56
C SER B 283 40.77 -4.28 -1.50
N ALA B 284 40.96 -2.96 -1.42
CA ALA B 284 41.70 -2.29 -0.35
C ALA B 284 40.86 -2.22 0.94
N GLU B 285 41.32 -1.41 1.89
CA GLU B 285 40.50 -0.86 2.99
C GLU B 285 40.16 -1.96 3.99
N LYS C 13 19.43 -1.35 20.81
CA LYS C 13 19.43 0.01 20.14
C LYS C 13 19.38 1.04 21.29
N ARG C 14 18.60 2.10 21.07
CA ARG C 14 18.22 3.10 22.04
C ARG C 14 16.97 2.64 22.80
N TYR C 15 16.67 1.34 22.92
CA TYR C 15 15.43 0.86 23.53
C TYR C 15 15.74 -0.02 24.73
N GLU C 16 15.01 0.17 25.83
CA GLU C 16 15.02 -0.65 27.05
C GLU C 16 13.81 -1.57 26.89
N LYS C 17 13.96 -2.90 27.04
CA LYS C 17 12.87 -3.85 26.92
C LYS C 17 12.24 -4.10 28.30
N LEU C 18 11.01 -3.61 28.50
CA LEU C 18 10.36 -3.60 29.81
C LEU C 18 9.61 -4.91 30.07
N ASP C 19 8.70 -5.28 29.16
CA ASP C 19 7.64 -6.25 29.42
C ASP C 19 7.44 -7.07 28.16
N PHE C 20 7.25 -8.36 28.30
CA PHE C 20 6.77 -9.23 27.23
C PHE C 20 5.26 -9.06 27.12
N LEU C 21 4.78 -8.51 25.99
CA LEU C 21 3.36 -8.25 25.81
C LEU C 21 2.68 -9.47 25.21
N GLY C 22 3.44 -10.27 24.49
CA GLY C 22 2.94 -11.51 24.01
C GLY C 22 3.81 -11.89 22.85
N GLU C 23 3.38 -12.92 22.18
CA GLU C 23 4.04 -13.52 21.06
C GLU C 23 2.96 -14.26 20.31
N GLY C 24 3.07 -14.22 19.01
CA GLY C 24 2.23 -14.97 18.11
C GLY C 24 3.16 -15.37 17.00
N GLN C 25 2.57 -15.86 15.92
CA GLN C 25 3.19 -16.53 14.79
C GLN C 25 4.45 -15.86 14.27
N PHE C 26 4.40 -14.54 14.05
CA PHE C 26 5.42 -13.84 13.28
C PHE C 26 6.34 -12.99 14.14
N ALA C 27 5.94 -12.69 15.38
CA ALA C 27 6.69 -11.77 16.18
C ALA C 27 6.40 -12.00 17.63
N THR C 28 7.38 -11.57 18.41
CA THR C 28 7.22 -11.34 19.80
C THR C 28 7.06 -9.84 19.97
N VAL C 29 6.23 -9.41 20.91
CA VAL C 29 5.98 -8.02 21.16
C VAL C 29 6.39 -7.73 22.58
N TYR C 30 7.10 -6.62 22.72
CA TYR C 30 7.58 -6.16 23.99
C TYR C 30 7.19 -4.72 24.13
N LYS C 31 6.74 -4.37 25.32
CA LYS C 31 6.66 -3.01 25.80
C LYS C 31 8.11 -2.58 26.07
N ALA C 32 8.51 -1.43 25.53
CA ALA C 32 9.87 -0.96 25.54
C ALA C 32 9.85 0.54 25.64
N ARG C 33 10.95 1.13 26.09
CA ARG C 33 11.10 2.57 26.17
C ARG C 33 12.29 2.97 25.33
N ASP C 34 12.17 3.98 24.45
CA ASP C 34 13.35 4.62 23.88
C ASP C 34 14.09 5.43 24.95
N LYS C 35 15.39 5.22 25.05
CA LYS C 35 16.38 5.95 25.85
C LYS C 35 16.63 7.34 25.25
N ASN C 36 15.55 8.09 25.01
CA ASN C 36 15.49 9.24 24.11
C ASN C 36 14.22 10.06 24.37
N THR C 37 13.13 9.43 24.85
CA THR C 37 11.86 10.09 25.16
C THR C 37 11.17 9.41 26.35
N ASN C 38 10.20 10.09 26.98
CA ASN C 38 9.32 9.51 28.01
C ASN C 38 8.32 8.48 27.46
N GLN C 39 7.95 8.62 26.19
CA GLN C 39 7.01 7.81 25.45
C GLN C 39 7.42 6.32 25.37
N ILE C 40 6.60 5.46 25.99
CA ILE C 40 6.66 4.02 25.83
C ILE C 40 6.24 3.59 24.41
N VAL C 41 6.92 2.58 23.90
CA VAL C 41 6.70 2.03 22.60
C VAL C 41 6.46 0.52 22.76
N ALA C 42 6.01 -0.08 21.67
CA ALA C 42 5.82 -1.49 21.54
C ALA C 42 6.72 -1.89 20.41
N ILE C 43 7.67 -2.75 20.70
CA ILE C 43 8.59 -3.24 19.72
C ILE C 43 8.12 -4.62 19.38
N LYS C 44 8.04 -4.89 18.10
CA LYS C 44 7.63 -6.15 17.58
C LYS C 44 8.90 -6.72 16.96
N LYS C 45 9.45 -7.74 17.62
CA LYS C 45 10.69 -8.35 17.25
C LYS C 45 10.35 -9.56 16.44
N ILE C 46 10.78 -9.54 15.20
CA ILE C 46 10.32 -10.49 14.21
C ILE C 46 11.33 -11.62 14.08
N LYS C 47 10.77 -12.81 13.94
CA LYS C 47 11.48 -14.06 14.02
C LYS C 47 11.59 -14.69 12.64
N LEU C 48 12.65 -15.50 12.52
CA LEU C 48 13.12 -16.19 11.31
C LEU C 48 12.10 -17.21 10.81
N LYS C 55 16.83 -18.82 5.24
CA LYS C 55 17.58 -17.93 4.32
C LYS C 55 16.61 -17.02 3.50
N ASP C 56 15.51 -16.63 4.13
CA ASP C 56 14.43 -15.86 3.53
C ASP C 56 14.73 -14.36 3.45
N GLY C 57 15.64 -13.87 4.28
CA GLY C 57 15.81 -12.45 4.49
C GLY C 57 14.79 -12.00 5.52
N ILE C 58 14.64 -10.68 5.68
CA ILE C 58 13.66 -10.04 6.54
C ILE C 58 12.26 -10.52 6.18
N ASN C 59 11.57 -11.06 7.17
CA ASN C 59 10.23 -11.61 7.14
C ASN C 59 9.23 -10.66 6.46
N ARG C 60 8.41 -11.19 5.55
CA ARG C 60 7.44 -10.43 4.79
C ARG C 60 6.35 -9.77 5.61
N THR C 61 5.98 -10.32 6.75
CA THR C 61 5.00 -9.74 7.64
C THR C 61 5.51 -8.46 8.33
N ALA C 62 6.83 -8.36 8.57
CA ALA C 62 7.49 -7.13 8.98
C ALA C 62 7.55 -6.13 7.83
N LEU C 63 7.94 -6.56 6.64
CA LEU C 63 7.97 -5.66 5.49
C LEU C 63 6.61 -5.13 5.08
N ARG C 64 5.57 -5.95 5.32
CA ARG C 64 4.17 -5.58 5.19
C ARG C 64 3.79 -4.42 6.10
N GLU C 65 4.11 -4.48 7.39
CA GLU C 65 3.86 -3.38 8.30
C GLU C 65 4.71 -2.13 8.03
N ILE C 66 5.98 -2.31 7.67
CA ILE C 66 6.85 -1.20 7.29
C ILE C 66 6.32 -0.48 6.06
N LYS C 67 6.06 -1.21 4.98
CA LYS C 67 5.67 -0.56 3.75
C LYS C 67 4.35 0.17 3.88
N LEU C 68 3.35 -0.40 4.58
CA LEU C 68 2.05 0.19 4.77
C LEU C 68 2.07 1.29 5.80
N LEU C 69 2.61 1.11 6.99
CA LEU C 69 2.44 2.12 8.01
C LEU C 69 3.24 3.40 7.82
N GLN C 70 4.22 3.37 6.92
CA GLN C 70 4.97 4.51 6.44
C GLN C 70 4.18 5.36 5.42
N GLU C 71 3.14 4.80 4.81
CA GLU C 71 2.29 5.45 3.83
C GLU C 71 0.92 5.87 4.36
N LEU C 72 0.64 5.57 5.62
CA LEU C 72 -0.63 5.83 6.20
C LEU C 72 -0.33 6.79 7.31
N SER C 73 -1.07 7.87 7.36
CA SER C 73 -0.99 8.81 8.45
C SER C 73 -2.43 9.08 8.78
N HIS C 74 -2.96 8.40 9.78
CA HIS C 74 -4.31 8.58 10.23
C HIS C 74 -4.32 8.36 11.73
N PRO C 75 -5.13 9.09 12.52
CA PRO C 75 -5.23 8.84 13.96
C PRO C 75 -5.68 7.45 14.35
N ASN C 76 -6.43 6.77 13.47
CA ASN C 76 -7.00 5.47 13.75
C ASN C 76 -6.28 4.36 13.02
N ILE C 77 -5.05 4.58 12.62
CA ILE C 77 -4.17 3.54 12.14
C ILE C 77 -2.92 3.67 13.02
N ILE C 78 -2.32 2.54 13.40
CA ILE C 78 -1.13 2.47 14.26
C ILE C 78 0.05 3.12 13.51
N GLY C 79 0.81 3.97 14.22
CA GLY C 79 1.99 4.59 13.64
C GLY C 79 3.20 3.69 13.86
N LEU C 80 3.93 3.35 12.79
CA LEU C 80 5.31 2.87 12.85
C LEU C 80 6.21 4.02 13.26
N LEU C 81 6.91 3.88 14.37
CA LEU C 81 7.81 4.90 14.90
C LEU C 81 9.23 4.75 14.34
N ASP C 82 9.69 3.52 14.15
CA ASP C 82 11.07 3.22 13.85
C ASP C 82 11.12 1.77 13.42
N ALA C 83 12.17 1.37 12.70
CA ALA C 83 12.53 -0.03 12.57
C ALA C 83 14.04 -0.11 12.62
N PHE C 84 14.56 -1.18 13.23
CA PHE C 84 15.98 -1.45 13.38
C PHE C 84 16.17 -2.96 13.36
N GLY C 85 17.41 -3.42 13.42
CA GLY C 85 17.69 -4.84 13.46
C GLY C 85 19.13 -5.05 13.06
N HIS C 86 19.42 -6.27 12.63
CA HIS C 86 20.73 -6.70 12.17
C HIS C 86 20.49 -7.94 11.34
N LYS C 87 21.19 -8.01 10.20
CA LYS C 87 21.12 -9.12 9.26
C LYS C 87 19.68 -9.30 8.77
N SER C 88 19.14 -10.52 8.86
CA SER C 88 17.80 -10.86 8.41
C SER C 88 16.75 -10.68 9.53
N ASN C 89 17.13 -10.22 10.73
CA ASN C 89 16.18 -9.95 11.80
C ASN C 89 15.88 -8.46 11.84
N ILE C 90 14.69 -8.10 12.30
CA ILE C 90 14.22 -6.73 12.36
C ILE C 90 13.27 -6.58 13.56
N SER C 91 13.21 -5.36 14.10
CA SER C 91 12.36 -4.93 15.19
C SER C 91 11.56 -3.71 14.71
N LEU C 92 10.24 -3.82 14.59
CA LEU C 92 9.38 -2.69 14.24
C LEU C 92 8.94 -2.02 15.53
N VAL C 93 9.05 -0.71 15.61
CA VAL C 93 8.73 0.02 16.80
C VAL C 93 7.46 0.81 16.52
N PHE C 94 6.50 0.71 17.42
CA PHE C 94 5.18 1.28 17.32
C PHE C 94 4.92 1.94 18.63
N ASP C 95 3.90 2.78 18.69
CA ASP C 95 3.40 3.25 19.96
C ASP C 95 2.74 2.11 20.74
N PHE C 96 2.90 2.13 22.06
CA PHE C 96 2.22 1.21 22.94
C PHE C 96 0.77 1.62 23.12
N MET C 97 -0.12 0.65 22.93
CA MET C 97 -1.55 0.80 23.09
C MET C 97 -1.88 0.06 24.36
N GLU C 98 -2.41 0.73 25.37
CA GLU C 98 -2.68 0.11 26.65
C GLU C 98 -3.62 -1.08 26.62
N THR C 99 -4.61 -1.06 25.72
CA THR C 99 -5.67 -2.06 25.66
C THR C 99 -6.07 -2.30 24.22
N ASP C 100 -7.04 -3.18 24.03
CA ASP C 100 -7.56 -3.55 22.74
C ASP C 100 -9.02 -3.94 22.93
N LEU C 101 -9.74 -4.02 21.82
CA LEU C 101 -11.17 -4.23 21.80
C LEU C 101 -11.58 -5.61 22.32
N GLU C 102 -10.75 -6.63 22.10
CA GLU C 102 -10.95 -7.99 22.59
C GLU C 102 -11.07 -8.03 24.08
N VAL C 103 -10.17 -7.33 24.76
CA VAL C 103 -10.13 -7.23 26.20
C VAL C 103 -11.33 -6.43 26.73
N ILE C 104 -11.80 -5.42 26.00
CA ILE C 104 -13.01 -4.67 26.33
C ILE C 104 -14.27 -5.54 26.23
N ILE C 105 -14.43 -6.23 25.09
CA ILE C 105 -15.47 -7.21 24.81
C ILE C 105 -15.51 -8.34 25.86
N LYS C 106 -14.36 -8.92 26.17
CA LYS C 106 -14.20 -9.98 27.16
C LYS C 106 -14.26 -9.54 28.62
N ASP C 107 -14.24 -8.24 28.94
CA ASP C 107 -14.28 -7.78 30.32
C ASP C 107 -15.72 -7.87 30.82
N ASN C 108 -16.03 -8.90 31.61
CA ASN C 108 -17.39 -9.20 32.07
C ASN C 108 -17.99 -8.15 33.01
N SER C 109 -17.16 -7.30 33.63
CA SER C 109 -17.55 -6.25 34.56
C SER C 109 -17.36 -4.85 33.98
N LEU C 110 -17.50 -4.73 32.66
CA LEU C 110 -17.39 -3.51 31.87
C LEU C 110 -18.64 -3.46 30.99
N VAL C 111 -19.49 -2.42 31.09
CA VAL C 111 -20.74 -2.31 30.36
C VAL C 111 -20.50 -1.57 29.02
N LEU C 112 -20.91 -2.16 27.90
CA LEU C 112 -20.83 -1.52 26.60
C LEU C 112 -22.16 -0.83 26.36
N THR C 113 -22.26 0.43 26.79
CA THR C 113 -23.33 1.33 26.41
C THR C 113 -23.35 1.47 24.86
N PRO C 114 -24.52 1.78 24.27
CA PRO C 114 -24.61 2.03 22.81
C PRO C 114 -23.65 3.12 22.30
N SER C 115 -23.41 4.17 23.12
CA SER C 115 -22.44 5.22 22.85
C SER C 115 -21.00 4.73 22.75
N HIS C 116 -20.58 3.83 23.66
CA HIS C 116 -19.28 3.15 23.59
C HIS C 116 -19.16 2.36 22.30
N ILE C 117 -20.21 1.61 21.98
CA ILE C 117 -20.25 0.77 20.80
C ILE C 117 -20.15 1.60 19.53
N LYS C 118 -20.89 2.71 19.47
CA LYS C 118 -20.85 3.70 18.42
C LYS C 118 -19.47 4.35 18.26
N ALA C 119 -18.85 4.79 19.35
CA ALA C 119 -17.49 5.32 19.36
C ALA C 119 -16.42 4.35 18.81
N TYR C 120 -16.41 3.11 19.31
CA TYR C 120 -15.54 2.05 18.82
C TYR C 120 -15.76 1.77 17.35
N MET C 121 -17.02 1.66 16.96
CA MET C 121 -17.39 1.48 15.56
C MET C 121 -17.00 2.63 14.66
N LEU C 122 -17.21 3.85 15.14
CA LEU C 122 -16.88 5.07 14.45
C LEU C 122 -15.40 5.17 14.14
N MET C 123 -14.54 5.04 15.16
CA MET C 123 -13.09 5.02 14.99
C MET C 123 -12.61 3.90 14.08
N THR C 124 -13.15 2.70 14.24
CA THR C 124 -12.87 1.56 13.40
C THR C 124 -13.16 1.87 11.92
N LEU C 125 -14.34 2.43 11.66
CA LEU C 125 -14.79 2.85 10.35
C LEU C 125 -14.01 4.03 9.77
N GLN C 126 -13.64 5.04 10.58
CA GLN C 126 -12.76 6.13 10.20
C GLN C 126 -11.37 5.66 9.79
N GLY C 127 -10.77 4.78 10.59
CA GLY C 127 -9.54 4.10 10.26
C GLY C 127 -9.68 3.30 8.98
N LEU C 128 -10.75 2.53 8.85
CA LEU C 128 -11.06 1.78 7.66
C LEU C 128 -11.36 2.62 6.44
N GLU C 129 -12.07 3.73 6.59
CA GLU C 129 -12.36 4.64 5.52
C GLU C 129 -11.07 5.20 4.94
N TYR C 130 -10.22 5.78 5.80
CA TYR C 130 -8.87 6.19 5.44
C TYR C 130 -8.10 5.08 4.76
N LEU C 131 -8.03 3.92 5.39
CA LEU C 131 -7.35 2.77 4.86
C LEU C 131 -7.85 2.30 3.50
N HIS C 132 -9.16 2.26 3.30
CA HIS C 132 -9.77 1.87 2.05
C HIS C 132 -9.63 2.94 0.97
N GLN C 133 -9.61 4.22 1.34
CA GLN C 133 -9.25 5.37 0.51
C GLN C 133 -7.84 5.30 -0.03
N HIS C 134 -6.95 4.75 0.78
CA HIS C 134 -5.57 4.43 0.43
C HIS C 134 -5.42 3.07 -0.13
N TRP C 135 -6.54 2.45 -0.51
CA TRP C 135 -6.63 1.23 -1.28
C TRP C 135 -5.98 0.06 -0.58
N ILE C 136 -6.13 -0.03 0.72
CA ILE C 136 -5.66 -1.09 1.57
C ILE C 136 -6.84 -1.71 2.36
N LEU C 137 -6.81 -3.03 2.49
CA LEU C 137 -7.65 -3.86 3.34
C LEU C 137 -6.81 -4.30 4.53
N HIS C 138 -7.33 -4.26 5.74
CA HIS C 138 -6.61 -4.80 6.90
C HIS C 138 -6.50 -6.32 6.85
N ARG C 139 -7.56 -7.01 6.40
CA ARG C 139 -7.72 -8.46 6.29
C ARG C 139 -7.46 -9.25 7.59
N ASP C 140 -7.52 -8.59 8.74
CA ASP C 140 -7.34 -9.28 9.98
C ASP C 140 -7.97 -8.42 11.04
N LEU C 141 -9.15 -7.85 10.77
CA LEU C 141 -9.87 -7.18 11.82
C LEU C 141 -10.51 -8.25 12.69
N LYS C 142 -10.36 -8.03 13.97
CA LYS C 142 -10.85 -8.82 15.05
C LYS C 142 -10.57 -7.92 16.24
N PRO C 143 -11.29 -8.14 17.34
CA PRO C 143 -11.20 -7.25 18.48
C PRO C 143 -9.79 -7.00 19.06
N ASN C 144 -8.89 -7.99 19.01
CA ASN C 144 -7.54 -7.80 19.54
C ASN C 144 -6.64 -6.96 18.61
N ASN C 145 -6.99 -6.82 17.33
CA ASN C 145 -6.25 -5.98 16.38
C ASN C 145 -6.78 -4.56 16.38
N LEU C 146 -7.72 -4.25 17.28
CA LEU C 146 -8.27 -2.94 17.43
C LEU C 146 -7.73 -2.49 18.74
N LEU C 147 -6.57 -1.87 18.66
CA LEU C 147 -5.84 -1.43 19.82
C LEU C 147 -6.37 -0.09 20.24
N LEU C 148 -6.43 0.15 21.53
CA LEU C 148 -6.83 1.41 22.09
C LEU C 148 -5.58 2.00 22.71
N ASP C 149 -5.24 3.24 22.35
CA ASP C 149 -4.29 4.06 23.13
C ASP C 149 -4.97 4.51 24.43
N GLU C 150 -4.23 5.08 25.38
CA GLU C 150 -4.76 5.46 26.70
C GLU C 150 -5.55 6.78 26.68
N ASN C 151 -5.57 7.45 25.53
CA ASN C 151 -6.46 8.56 25.22
C ASN C 151 -7.72 8.08 24.49
N GLY C 152 -7.89 6.76 24.37
CA GLY C 152 -9.06 6.10 23.84
C GLY C 152 -9.21 6.30 22.35
N VAL C 153 -8.14 6.54 21.60
CA VAL C 153 -8.18 6.46 20.16
C VAL C 153 -7.98 4.99 19.83
N LEU C 154 -8.96 4.39 19.17
CA LEU C 154 -8.84 3.07 18.61
C LEU C 154 -7.96 3.19 17.39
N LYS C 155 -6.94 2.37 17.30
CA LYS C 155 -6.11 2.26 16.13
C LYS C 155 -6.29 0.88 15.56
N LEU C 156 -6.43 0.81 14.25
CA LEU C 156 -6.21 -0.44 13.56
C LEU C 156 -4.72 -0.73 13.72
N ALA C 157 -4.37 -1.99 13.91
CA ALA C 157 -3.03 -2.41 14.20
C ALA C 157 -2.94 -3.81 13.74
N ASP C 158 -1.71 -4.27 13.53
CA ASP C 158 -1.41 -5.60 13.06
C ASP C 158 -1.82 -5.68 11.62
N PHE C 159 -1.11 -4.85 10.88
CA PHE C 159 -1.08 -4.73 9.45
C PHE C 159 -0.27 -5.81 8.78
N GLY C 160 0.05 -6.88 9.52
CA GLY C 160 0.83 -8.00 9.05
C GLY C 160 0.11 -8.83 7.99
N LEU C 161 -1.21 -8.80 7.86
CA LEU C 161 -1.95 -9.44 6.77
C LEU C 161 -2.50 -8.41 5.78
N ALA C 162 -2.46 -7.11 6.10
CA ALA C 162 -3.02 -6.03 5.31
C ALA C 162 -2.50 -5.97 3.89
N LYS C 163 -3.34 -5.63 2.93
CA LYS C 163 -2.98 -5.75 1.54
C LYS C 163 -3.68 -4.68 0.74
N SER C 164 -3.03 -4.25 -0.34
CA SER C 164 -3.61 -3.26 -1.22
C SER C 164 -4.62 -3.93 -2.14
N PHE C 165 -5.75 -3.30 -2.42
CA PHE C 165 -6.80 -3.83 -3.29
C PHE C 165 -7.10 -2.84 -4.39
N GLY C 166 -7.92 -3.29 -5.36
CA GLY C 166 -8.28 -2.53 -6.54
C GLY C 166 -7.26 -2.82 -7.64
N SER C 167 -6.55 -3.94 -7.57
CA SER C 167 -5.57 -4.38 -8.56
C SER C 167 -6.27 -5.42 -9.41
N TYR C 172 -5.47 -12.26 -4.36
CA TYR C 172 -5.43 -12.17 -2.87
C TYR C 172 -5.47 -13.62 -2.30
N THR C 173 -6.08 -13.89 -1.15
CA THR C 173 -6.19 -15.27 -0.67
C THR C 173 -7.32 -15.39 0.37
N HIS C 174 -7.96 -16.57 0.37
CA HIS C 174 -9.15 -16.85 1.15
C HIS C 174 -8.86 -17.10 2.63
N GLN C 175 -7.61 -17.46 2.95
CA GLN C 175 -7.21 -17.96 4.28
C GLN C 175 -7.28 -16.89 5.39
N VAL C 176 -7.39 -15.62 5.00
CA VAL C 176 -7.23 -14.45 5.84
C VAL C 176 -8.44 -14.18 6.71
N VAL C 177 -8.26 -13.32 7.71
CA VAL C 177 -9.19 -13.02 8.78
C VAL C 177 -9.37 -14.25 9.71
N THR C 178 -9.12 -14.14 11.00
CA THR C 178 -9.42 -15.18 11.96
C THR C 178 -10.92 -15.54 11.96
N ARG C 179 -11.18 -16.85 12.00
CA ARG C 179 -12.36 -17.47 11.44
C ARG C 179 -13.69 -16.86 11.85
N TRP C 180 -13.83 -16.44 13.10
CA TRP C 180 -15.07 -15.88 13.64
C TRP C 180 -15.53 -14.55 13.04
N TYR C 181 -14.61 -13.91 12.31
CA TYR C 181 -14.74 -12.58 11.69
C TYR C 181 -14.63 -12.69 10.19
N ARG C 182 -14.29 -13.87 9.71
CA ARG C 182 -14.13 -14.15 8.32
C ARG C 182 -15.50 -14.21 7.65
N ALA C 183 -15.66 -13.31 6.67
CA ALA C 183 -16.83 -13.16 5.84
C ALA C 183 -17.10 -14.41 5.01
N PRO C 184 -18.37 -14.68 4.67
CA PRO C 184 -18.75 -15.86 3.91
C PRO C 184 -18.15 -15.94 2.52
N GLU C 185 -17.87 -14.82 1.86
CA GLU C 185 -17.18 -14.85 0.57
C GLU C 185 -15.73 -15.32 0.73
N LEU C 186 -15.08 -14.99 1.85
CA LEU C 186 -13.78 -15.56 2.17
C LEU C 186 -13.89 -17.06 2.41
N LEU C 187 -14.86 -17.46 3.20
CA LEU C 187 -15.14 -18.86 3.47
C LEU C 187 -15.51 -19.69 2.23
N PHE C 188 -16.27 -19.15 1.28
CA PHE C 188 -16.46 -19.75 -0.04
C PHE C 188 -15.26 -19.61 -0.99
N GLY C 189 -14.11 -19.17 -0.51
CA GLY C 189 -12.88 -19.31 -1.27
C GLY C 189 -12.64 -18.13 -2.20
N ALA C 190 -13.25 -16.96 -1.98
CA ALA C 190 -13.00 -15.75 -2.77
C ALA C 190 -11.52 -15.36 -2.77
N ARG C 191 -10.97 -15.26 -3.98
CA ARG C 191 -9.64 -14.75 -4.22
C ARG C 191 -9.67 -13.23 -4.12
N MET C 192 -10.57 -12.64 -4.91
CA MET C 192 -10.75 -11.21 -5.01
C MET C 192 -11.90 -10.83 -4.12
N TYR C 193 -11.74 -9.66 -3.55
CA TYR C 193 -12.64 -9.10 -2.60
C TYR C 193 -12.20 -7.66 -2.44
N GLY C 194 -12.94 -6.91 -1.66
CA GLY C 194 -12.62 -5.56 -1.38
C GLY C 194 -13.05 -5.38 0.03
N VAL C 195 -13.50 -4.18 0.34
CA VAL C 195 -13.65 -3.71 1.70
C VAL C 195 -14.61 -4.53 2.56
N GLY C 196 -15.53 -5.28 1.94
CA GLY C 196 -16.51 -6.16 2.55
C GLY C 196 -15.91 -7.18 3.49
N VAL C 197 -14.70 -7.69 3.22
CA VAL C 197 -13.99 -8.53 4.18
C VAL C 197 -13.66 -7.82 5.48
N ASP C 198 -13.36 -6.54 5.40
CA ASP C 198 -13.19 -5.72 6.57
C ASP C 198 -14.53 -5.38 7.14
N MET C 199 -15.54 -5.09 6.29
CA MET C 199 -16.88 -4.72 6.73
C MET C 199 -17.59 -5.83 7.51
N TRP C 200 -17.50 -7.07 7.02
CA TRP C 200 -18.04 -8.23 7.72
C TRP C 200 -17.34 -8.42 9.06
N ALA C 201 -16.02 -8.26 9.05
CA ALA C 201 -15.26 -8.28 10.28
C ALA C 201 -15.67 -7.18 11.24
N VAL C 202 -15.99 -5.96 10.78
CA VAL C 202 -16.60 -4.89 11.57
C VAL C 202 -17.98 -5.31 12.09
N GLY C 203 -18.76 -5.97 11.23
CA GLY C 203 -20.04 -6.59 11.52
C GLY C 203 -19.91 -7.55 12.68
N CYS C 204 -18.95 -8.47 12.62
CA CYS C 204 -18.62 -9.44 13.65
C CYS C 204 -18.17 -8.77 14.91
N ILE C 205 -17.26 -7.81 14.84
CA ILE C 205 -16.81 -7.05 15.98
C ILE C 205 -17.95 -6.26 16.62
N LEU C 206 -18.87 -5.71 15.82
CA LEU C 206 -20.07 -5.05 16.28
C LEU C 206 -21.03 -6.01 17.02
N ALA C 207 -21.29 -7.17 16.42
CA ALA C 207 -22.05 -8.25 17.02
C ALA C 207 -21.51 -8.70 18.37
N GLU C 208 -20.19 -8.74 18.52
CA GLU C 208 -19.50 -9.05 19.74
C GLU C 208 -19.41 -7.92 20.73
N LEU C 209 -19.46 -6.66 20.29
CA LEU C 209 -19.67 -5.55 21.19
C LEU C 209 -21.08 -5.62 21.80
N LEU C 210 -22.05 -6.16 21.06
CA LEU C 210 -23.44 -6.34 21.45
C LEU C 210 -23.64 -7.60 22.32
N LEU C 211 -23.22 -8.76 21.81
CA LEU C 211 -23.45 -10.05 22.43
C LEU C 211 -22.39 -10.42 23.48
N ARG C 212 -21.22 -9.74 23.47
CA ARG C 212 -20.12 -9.87 24.44
C ARG C 212 -19.39 -11.22 24.39
N VAL C 213 -19.50 -11.86 23.24
CA VAL C 213 -19.00 -13.17 22.91
C VAL C 213 -18.96 -13.17 21.38
N PRO C 214 -18.06 -13.97 20.80
CA PRO C 214 -18.04 -14.32 19.39
C PRO C 214 -19.43 -14.57 18.81
N PHE C 215 -19.76 -13.85 17.74
CA PHE C 215 -21.07 -13.96 17.14
C PHE C 215 -21.23 -15.31 16.44
N LEU C 216 -20.21 -15.69 15.68
CA LEU C 216 -20.22 -16.92 14.90
C LEU C 216 -19.00 -17.79 15.27
N PRO C 217 -18.90 -18.40 16.47
CA PRO C 217 -17.66 -19.08 16.86
C PRO C 217 -17.47 -20.48 16.24
N GLY C 218 -17.28 -20.56 14.93
CA GLY C 218 -17.24 -21.82 14.20
C GLY C 218 -15.82 -22.35 14.07
N ASP C 219 -15.63 -23.65 14.34
CA ASP C 219 -14.35 -24.35 14.43
C ASP C 219 -13.69 -24.74 13.10
N SER C 220 -14.34 -24.51 11.97
CA SER C 220 -13.91 -24.96 10.66
C SER C 220 -14.54 -24.09 9.57
N ASP C 221 -14.01 -24.10 8.35
CA ASP C 221 -14.59 -23.33 7.23
C ASP C 221 -16.04 -23.73 6.93
N LEU C 222 -16.29 -25.04 7.03
CA LEU C 222 -17.60 -25.65 7.04
C LEU C 222 -18.46 -25.16 8.21
N ASP C 223 -17.97 -25.16 9.44
CA ASP C 223 -18.79 -24.82 10.59
C ASP C 223 -19.02 -23.30 10.75
N GLN C 224 -18.12 -22.50 10.20
CA GLN C 224 -18.29 -21.06 10.13
C GLN C 224 -19.38 -20.69 9.12
N LEU C 225 -19.37 -21.27 7.91
CA LEU C 225 -20.50 -21.22 6.97
C LEU C 225 -21.81 -21.76 7.53
N THR C 226 -21.82 -22.88 8.24
CA THR C 226 -23.00 -23.38 8.92
C THR C 226 -23.59 -22.35 9.89
N ARG C 227 -22.80 -21.80 10.83
CA ARG C 227 -23.29 -20.85 11.83
C ARG C 227 -23.72 -19.53 11.22
N ILE C 228 -23.10 -19.16 10.08
CA ILE C 228 -23.47 -17.98 9.31
C ILE C 228 -24.90 -18.15 8.83
N PHE C 229 -25.12 -19.25 8.10
CA PHE C 229 -26.39 -19.60 7.51
C PHE C 229 -27.45 -19.98 8.53
N GLU C 230 -27.12 -20.66 9.61
CA GLU C 230 -27.98 -20.81 10.79
C GLU C 230 -28.47 -19.49 11.42
N THR C 231 -27.55 -18.55 11.67
CA THR C 231 -27.89 -17.33 12.40
C THR C 231 -28.52 -16.27 11.48
N LEU C 232 -28.06 -16.15 10.24
CA LEU C 232 -28.46 -15.06 9.34
C LEU C 232 -29.36 -15.53 8.22
N GLY C 233 -29.57 -16.82 8.09
CA GLY C 233 -30.36 -17.40 7.01
C GLY C 233 -29.38 -17.82 5.94
N THR C 234 -29.72 -18.83 5.17
CA THR C 234 -28.92 -19.18 4.02
C THR C 234 -29.15 -18.09 2.97
N PRO C 235 -28.10 -17.61 2.30
CA PRO C 235 -28.26 -16.75 1.12
C PRO C 235 -29.04 -17.44 0.01
N THR C 236 -29.32 -16.67 -1.03
CA THR C 236 -29.96 -17.11 -2.26
C THR C 236 -29.24 -16.37 -3.40
N GLU C 237 -29.60 -16.58 -4.66
CA GLU C 237 -29.11 -15.74 -5.76
C GLU C 237 -29.89 -14.42 -5.89
N GLU C 238 -30.98 -14.25 -5.13
CA GLU C 238 -31.64 -12.97 -4.96
C GLU C 238 -30.79 -12.11 -4.02
N GLN C 239 -30.29 -12.72 -2.95
CA GLN C 239 -29.37 -12.10 -2.04
C GLN C 239 -27.96 -11.93 -2.63
N TRP C 240 -27.31 -12.97 -3.14
CA TRP C 240 -25.89 -12.93 -3.45
C TRP C 240 -25.67 -13.38 -4.90
N PRO C 241 -25.98 -12.52 -5.88
CA PRO C 241 -26.08 -12.84 -7.30
C PRO C 241 -25.27 -13.96 -7.97
N ASP C 242 -23.97 -14.07 -7.65
CA ASP C 242 -23.04 -15.01 -8.28
C ASP C 242 -22.33 -15.89 -7.23
N MET C 243 -22.93 -16.08 -6.05
CA MET C 243 -22.44 -16.86 -4.90
C MET C 243 -21.88 -18.21 -5.31
N CYS C 244 -22.66 -18.88 -6.15
CA CYS C 244 -22.38 -20.19 -6.67
C CYS C 244 -21.09 -20.28 -7.48
N SER C 245 -20.58 -19.15 -7.98
CA SER C 245 -19.35 -19.09 -8.77
C SER C 245 -18.12 -19.01 -7.85
N LEU C 246 -18.30 -18.82 -6.54
CA LEU C 246 -17.17 -18.89 -5.59
C LEU C 246 -16.58 -20.31 -5.50
N PRO C 247 -15.23 -20.41 -5.51
CA PRO C 247 -14.57 -21.66 -5.94
C PRO C 247 -14.67 -22.81 -4.94
N ASP C 248 -14.90 -22.48 -3.67
CA ASP C 248 -15.12 -23.39 -2.56
C ASP C 248 -16.57 -23.22 -2.13
N TYR C 249 -17.47 -23.14 -3.12
CA TYR C 249 -18.92 -23.08 -2.89
C TYR C 249 -19.46 -24.49 -2.68
N VAL C 250 -20.33 -24.65 -1.70
CA VAL C 250 -21.20 -25.81 -1.65
C VAL C 250 -22.51 -25.33 -1.04
N THR C 251 -23.62 -25.86 -1.56
CA THR C 251 -24.97 -25.57 -1.11
C THR C 251 -25.19 -26.05 0.33
N PHE C 252 -25.59 -25.13 1.19
CA PHE C 252 -26.07 -25.44 2.54
C PHE C 252 -27.59 -25.65 2.47
N LYS C 253 -28.16 -26.32 3.48
CA LYS C 253 -29.60 -26.43 3.62
C LYS C 253 -30.18 -25.04 3.95
N SER C 254 -31.36 -24.70 3.42
CA SER C 254 -32.04 -23.46 3.75
C SER C 254 -32.37 -23.41 5.25
N PHE C 255 -31.69 -22.52 5.96
CA PHE C 255 -32.08 -22.07 7.28
C PHE C 255 -32.97 -20.82 7.12
N PRO C 256 -33.89 -20.59 8.07
CA PRO C 256 -34.63 -19.31 8.14
C PRO C 256 -33.78 -18.10 8.59
N GLY C 257 -32.68 -18.35 9.31
CA GLY C 257 -31.97 -17.31 10.04
C GLY C 257 -32.76 -16.97 11.30
N ILE C 258 -32.11 -16.27 12.22
CA ILE C 258 -32.72 -15.76 13.41
C ILE C 258 -32.85 -14.26 13.13
N PRO C 259 -34.09 -13.72 13.07
CA PRO C 259 -34.33 -12.27 12.98
C PRO C 259 -33.38 -11.40 13.82
N LEU C 260 -32.76 -10.39 13.22
CA LEU C 260 -31.68 -9.63 13.86
C LEU C 260 -32.12 -8.94 15.16
N HIS C 261 -33.41 -8.72 15.36
CA HIS C 261 -33.94 -8.23 16.63
C HIS C 261 -34.08 -9.32 17.70
N HIS C 262 -34.08 -10.60 17.31
CA HIS C 262 -34.02 -11.74 18.22
C HIS C 262 -32.57 -12.04 18.60
N ILE C 263 -31.61 -11.73 17.72
CA ILE C 263 -30.19 -11.79 18.03
C ILE C 263 -29.79 -10.57 18.87
N PHE C 264 -30.07 -9.37 18.36
CA PHE C 264 -29.62 -8.13 18.93
C PHE C 264 -30.88 -7.43 19.43
N SER C 265 -31.40 -7.84 20.58
CA SER C 265 -32.65 -7.32 21.13
C SER C 265 -32.50 -5.99 21.89
N ALA C 266 -31.26 -5.61 22.19
CA ALA C 266 -30.90 -4.28 22.63
C ALA C 266 -30.71 -3.30 21.45
N ALA C 267 -30.44 -3.81 20.23
CA ALA C 267 -30.19 -2.96 19.05
C ALA C 267 -31.46 -2.22 18.61
N GLY C 268 -31.34 -0.90 18.46
CA GLY C 268 -32.36 -0.06 17.82
C GLY C 268 -32.40 -0.35 16.33
N ASP C 269 -33.45 0.11 15.66
CA ASP C 269 -33.69 -0.09 14.24
C ASP C 269 -32.58 0.48 13.34
N ASP C 270 -31.96 1.57 13.81
CA ASP C 270 -30.82 2.22 13.15
C ASP C 270 -29.56 1.35 13.18
N LEU C 271 -29.26 0.79 14.36
CA LEU C 271 -28.20 -0.18 14.53
C LEU C 271 -28.49 -1.47 13.78
N LEU C 272 -29.72 -1.98 13.81
CA LEU C 272 -30.08 -3.14 12.99
C LEU C 272 -29.96 -2.87 11.50
N ASP C 273 -30.24 -1.64 11.07
CA ASP C 273 -30.03 -1.23 9.69
C ASP C 273 -28.53 -1.21 9.35
N LEU C 274 -27.69 -0.71 10.27
CA LEU C 274 -26.23 -0.85 10.23
C LEU C 274 -25.80 -2.33 10.14
N ILE C 275 -26.08 -3.12 11.18
CA ILE C 275 -25.80 -4.55 11.28
C ILE C 275 -26.28 -5.31 10.05
N GLN C 276 -27.50 -5.03 9.57
CA GLN C 276 -28.06 -5.57 8.36
C GLN C 276 -27.14 -5.32 7.18
N GLY C 277 -26.79 -4.07 6.91
CA GLY C 277 -25.86 -3.69 5.85
C GLY C 277 -24.44 -4.23 6.08
N LEU C 278 -23.96 -4.36 7.32
CA LEU C 278 -22.67 -4.96 7.68
C LEU C 278 -22.65 -6.47 7.50
N PHE C 279 -23.81 -7.13 7.55
CA PHE C 279 -23.95 -8.57 7.37
C PHE C 279 -24.70 -8.97 6.13
N LEU C 280 -24.77 -8.06 5.16
CA LEU C 280 -25.35 -8.33 3.86
C LEU C 280 -24.49 -9.37 3.17
N PHE C 281 -25.06 -10.42 2.61
CA PHE C 281 -24.30 -11.50 1.98
C PHE C 281 -23.55 -11.10 0.75
N ASN C 282 -24.18 -10.29 -0.09
CA ASN C 282 -23.51 -9.63 -1.17
C ASN C 282 -22.51 -8.61 -0.56
N PRO C 283 -21.18 -8.85 -0.72
CA PRO C 283 -20.16 -7.92 -0.20
C PRO C 283 -20.15 -6.58 -0.96
N CYS C 284 -20.63 -6.60 -2.22
CA CYS C 284 -20.96 -5.41 -3.01
C CYS C 284 -22.05 -4.57 -2.34
N ALA C 285 -23.19 -5.17 -1.98
CA ALA C 285 -24.27 -4.47 -1.30
C ALA C 285 -23.92 -4.04 0.10
N ARG C 286 -23.10 -4.86 0.78
CA ARG C 286 -22.61 -4.63 2.13
C ARG C 286 -22.02 -3.25 2.19
N ILE C 287 -22.40 -2.50 3.19
CA ILE C 287 -22.07 -1.11 3.30
C ILE C 287 -20.56 -0.92 3.39
N THR C 288 -20.01 0.05 2.67
CA THR C 288 -18.61 0.42 2.75
C THR C 288 -18.37 1.21 4.03
N ALA C 289 -17.13 1.51 4.38
CA ALA C 289 -16.86 2.29 5.57
C ALA C 289 -17.41 3.71 5.45
N THR C 290 -17.32 4.29 4.27
CA THR C 290 -17.97 5.56 3.92
C THR C 290 -19.51 5.49 4.05
N GLN C 291 -20.16 4.51 3.39
CA GLN C 291 -21.61 4.30 3.49
C GLN C 291 -22.07 4.01 4.90
N ALA C 292 -21.34 3.15 5.62
CA ALA C 292 -21.53 2.87 7.02
C ALA C 292 -21.42 4.10 7.88
N LEU C 293 -20.43 4.96 7.66
CA LEU C 293 -20.27 6.21 8.39
C LEU C 293 -21.37 7.22 8.11
N LYS C 294 -21.92 7.24 6.89
CA LYS C 294 -23.07 8.05 6.50
C LYS C 294 -24.41 7.47 6.96
N MET C 295 -24.46 6.27 7.53
CA MET C 295 -25.69 5.70 8.08
C MET C 295 -26.14 6.45 9.31
N LYS C 296 -27.46 6.48 9.46
CA LYS C 296 -28.16 7.28 10.43
C LYS C 296 -27.83 6.86 11.87
N TYR C 297 -27.42 5.61 12.05
CA TYR C 297 -26.84 5.09 13.26
C TYR C 297 -25.80 6.02 13.90
N PHE C 298 -24.82 6.46 13.11
CA PHE C 298 -23.73 7.28 13.62
C PHE C 298 -24.11 8.71 13.93
N SER C 299 -25.02 9.30 13.14
CA SER C 299 -25.49 10.65 13.34
C SER C 299 -26.61 10.79 14.37
N ASN C 300 -27.20 9.70 14.85
CA ASN C 300 -28.30 9.73 15.82
C ASN C 300 -27.89 10.08 17.23
N ARG C 301 -28.92 10.24 18.05
CA ARG C 301 -28.94 11.05 19.26
C ARG C 301 -27.94 10.69 20.37
N PRO C 302 -27.70 9.40 20.69
CA PRO C 302 -26.57 9.04 21.56
C PRO C 302 -25.28 9.44 20.85
N GLY C 303 -24.51 10.36 21.45
CA GLY C 303 -23.24 10.75 20.90
C GLY C 303 -22.31 9.53 20.91
N PRO C 304 -21.51 9.27 19.86
CA PRO C 304 -20.36 8.37 19.98
C PRO C 304 -19.42 8.93 21.02
N THR C 305 -19.22 8.22 22.12
CA THR C 305 -18.44 8.67 23.27
C THR C 305 -17.05 9.23 22.89
N PRO C 306 -16.65 10.39 23.47
CA PRO C 306 -15.26 10.87 23.42
C PRO C 306 -14.24 9.82 23.87
N GLY C 307 -13.11 9.68 23.18
CA GLY C 307 -12.04 8.73 23.48
C GLY C 307 -11.62 8.77 24.94
N CYS C 308 -11.59 9.95 25.56
CA CYS C 308 -11.32 10.14 26.97
C CYS C 308 -12.25 9.33 27.90
N GLN C 309 -13.48 9.05 27.47
CA GLN C 309 -14.53 8.47 28.30
C GLN C 309 -14.90 7.05 27.91
N LEU C 310 -14.25 6.46 26.90
CA LEU C 310 -14.32 5.03 26.65
C LEU C 310 -13.77 4.25 27.87
N PRO C 311 -14.34 3.07 28.20
CA PRO C 311 -13.84 2.24 29.29
C PRO C 311 -12.45 1.66 28.99
N ARG C 312 -11.52 1.96 29.89
CA ARG C 312 -10.25 1.28 30.05
C ARG C 312 -10.56 -0.05 30.80
N PRO C 313 -10.34 -1.22 30.20
CA PRO C 313 -10.41 -2.50 30.93
C PRO C 313 -9.22 -2.74 31.86
#